data_2OS5
#
_entry.id   2OS5
#
_cell.length_a   115.340
_cell.length_b   115.340
_cell.length_c   199.260
_cell.angle_alpha   90.00
_cell.angle_beta   90.00
_cell.angle_gamma   120.00
#
_symmetry.space_group_name_H-M   'P 63 2 2'
#
loop_
_entity.id
_entity.type
_entity.pdbx_description
1 polymer AceMIF
2 non-polymer 'SULFATE ION'
3 water water
#
_entity_poly.entity_id   1
_entity_poly.type   'polypeptide(L)'
_entity_poly.pdbx_seq_one_letter_code
;MPMVRVATNLPDKDVPANFEERLTDLLAESMNKPRNRIAIEVLAGQRITHGASRNPVAVIKVESIGALSADDNIRHTQKI
TQFCQDTLKLPKDKVIITYFDLQPIHVGFNGTTVAAATM
;
_entity_poly.pdbx_strand_id   A,B,C,D
#
# COMPACT_ATOMS: atom_id res chain seq x y z
N PRO A 2 -22.02 -2.24 -3.26
CA PRO A 2 -22.76 -1.31 -4.16
C PRO A 2 -24.18 -1.06 -3.71
N MET A 3 -24.67 0.15 -3.98
CA MET A 3 -26.02 0.53 -3.63
C MET A 3 -26.67 1.00 -4.92
N VAL A 4 -27.69 0.28 -5.34
CA VAL A 4 -28.35 0.52 -6.63
C VAL A 4 -29.80 0.95 -6.44
N ARG A 5 -30.23 1.96 -7.19
CA ARG A 5 -31.62 2.37 -7.15
C ARG A 5 -32.14 2.34 -8.58
N VAL A 6 -33.22 1.61 -8.79
CA VAL A 6 -33.87 1.55 -10.10
C VAL A 6 -35.25 2.17 -9.97
N ALA A 7 -35.48 3.29 -10.67
CA ALA A 7 -36.81 3.89 -10.69
C ALA A 7 -37.38 3.73 -12.10
N THR A 8 -38.65 3.40 -12.20
CA THR A 8 -39.29 3.28 -13.52
C THR A 8 -40.74 3.76 -13.47
N ASN A 9 -41.22 4.24 -14.62
CA ASN A 9 -42.64 4.59 -14.75
C ASN A 9 -43.48 3.39 -15.18
N LEU A 10 -42.82 2.26 -15.46
CA LEU A 10 -43.55 0.99 -15.61
C LEU A 10 -44.25 0.64 -14.30
N PRO A 11 -45.44 0.02 -14.37
CA PRO A 11 -46.09 -0.36 -13.12
C PRO A 11 -45.33 -1.48 -12.41
N ASP A 12 -45.53 -1.59 -11.10
CA ASP A 12 -44.82 -2.58 -10.30
C ASP A 12 -45.05 -4.01 -10.82
N LYS A 13 -46.24 -4.29 -11.33
CA LYS A 13 -46.53 -5.62 -11.86
C LYS A 13 -45.63 -6.03 -13.02
N ASP A 14 -45.00 -5.04 -13.67
CA ASP A 14 -44.09 -5.30 -14.81
C ASP A 14 -42.63 -5.49 -14.41
N VAL A 15 -42.33 -5.32 -13.12
CA VAL A 15 -40.99 -5.55 -12.63
C VAL A 15 -41.02 -6.88 -11.89
N PRO A 16 -40.47 -7.94 -12.50
CA PRO A 16 -40.61 -9.30 -11.96
C PRO A 16 -40.06 -9.42 -10.54
N ALA A 17 -40.64 -10.33 -9.77
CA ALA A 17 -40.23 -10.55 -8.38
C ALA A 17 -38.74 -10.87 -8.25
N ASN A 18 -38.17 -11.55 -9.23
CA ASN A 18 -36.75 -11.90 -9.17
C ASN A 18 -35.81 -10.86 -9.77
N PHE A 19 -36.33 -9.67 -10.11
CA PHE A 19 -35.52 -8.61 -10.71
C PHE A 19 -34.30 -8.28 -9.83
N GLU A 20 -34.57 -8.02 -8.55
CA GLU A 20 -33.52 -7.60 -7.62
C GLU A 20 -32.45 -8.67 -7.43
N GLU A 21 -32.91 -9.91 -7.22
CA GLU A 21 -32.00 -11.04 -7.08
C GLU A 21 -31.09 -11.22 -8.33
N ARG A 22 -31.69 -11.18 -9.52
CA ARG A 22 -30.93 -11.33 -10.75
C ARG A 22 -29.98 -10.18 -11.03
N LEU A 23 -30.41 -8.97 -10.71
CA LEU A 23 -29.54 -7.81 -10.88
C LEU A 23 -28.36 -7.88 -9.92
N THR A 24 -28.61 -8.41 -8.72
CA THR A 24 -27.55 -8.61 -7.73
C THR A 24 -26.46 -9.53 -8.28
N ASP A 25 -26.88 -10.66 -8.85
CA ASP A 25 -25.92 -11.63 -9.43
C ASP A 25 -25.16 -11.01 -10.59
N LEU A 26 -25.89 -10.28 -11.44
CA LEU A 26 -25.29 -9.62 -12.57
C LEU A 26 -24.20 -8.62 -12.16
N LEU A 27 -24.51 -7.80 -11.15
CA LEU A 27 -23.57 -6.78 -10.72
C LEU A 27 -22.41 -7.38 -9.93
N ALA A 28 -22.67 -8.44 -9.17
CA ALA A 28 -21.59 -9.12 -8.48
C ALA A 28 -20.50 -9.57 -9.47
N GLU A 29 -20.94 -10.15 -10.59
CA GLU A 29 -20.02 -10.60 -11.62
C GLU A 29 -19.36 -9.42 -12.36
N SER A 30 -20.16 -8.44 -12.79
CA SER A 30 -19.60 -7.35 -13.58
C SER A 30 -18.63 -6.47 -12.79
N MET A 31 -18.95 -6.25 -11.53
CA MET A 31 -18.19 -5.31 -10.70
C MET A 31 -17.12 -6.00 -9.85
N ASN A 32 -17.10 -7.34 -9.89
CA ASN A 32 -16.21 -8.14 -9.05
C ASN A 32 -16.41 -7.77 -7.57
N LYS A 33 -17.66 -7.81 -7.14
CA LYS A 33 -18.07 -7.46 -5.78
C LYS A 33 -18.82 -8.64 -5.19
N PRO A 34 -18.74 -8.81 -3.86
CA PRO A 34 -19.53 -9.89 -3.27
C PRO A 34 -21.02 -9.59 -3.35
N ARG A 35 -21.83 -10.62 -3.63
CA ARG A 35 -23.29 -10.48 -3.65
C ARG A 35 -23.83 -9.90 -2.35
N ASN A 36 -23.23 -10.27 -1.22
CA ASN A 36 -23.72 -9.81 0.09
C ASN A 36 -23.46 -8.33 0.37
N ARG A 37 -22.69 -7.68 -0.50
CA ARG A 37 -22.37 -6.25 -0.34
C ARG A 37 -23.20 -5.38 -1.29
N ILE A 38 -24.21 -5.98 -1.92
CA ILE A 38 -25.02 -5.28 -2.95
C ILE A 38 -26.45 -5.08 -2.48
N ALA A 39 -26.91 -3.82 -2.45
CA ALA A 39 -28.29 -3.52 -2.12
C ALA A 39 -28.96 -2.96 -3.38
N ILE A 40 -30.20 -3.39 -3.60
CA ILE A 40 -30.99 -2.91 -4.74
C ILE A 40 -32.35 -2.38 -4.28
N GLU A 41 -32.64 -1.11 -4.62
CA GLU A 41 -33.95 -0.49 -4.40
C GLU A 41 -34.67 -0.46 -5.73
N VAL A 42 -35.95 -0.82 -5.72
CA VAL A 42 -36.80 -0.70 -6.92
C VAL A 42 -37.98 0.21 -6.61
N LEU A 43 -38.15 1.26 -7.42
CA LEU A 43 -39.29 2.18 -7.28
C LEU A 43 -40.04 2.18 -8.60
N ALA A 44 -41.12 1.41 -8.67
CA ALA A 44 -41.92 1.34 -9.90
C ALA A 44 -43.22 2.15 -9.78
N GLY A 45 -43.92 2.30 -10.89
CA GLY A 45 -45.16 3.09 -10.92
C GLY A 45 -44.94 4.56 -10.60
N GLN A 46 -43.73 5.04 -10.90
CA GLN A 46 -43.34 6.40 -10.56
C GLN A 46 -43.52 7.33 -11.75
N ARG A 47 -43.89 8.58 -11.47
CA ARG A 47 -43.88 9.61 -12.52
C ARG A 47 -42.45 9.87 -12.99
N ILE A 48 -42.18 9.63 -14.28
CA ILE A 48 -40.90 9.97 -14.89
C ILE A 48 -41.17 10.40 -16.33
N THR A 49 -40.54 11.49 -16.74
CA THR A 49 -40.48 11.84 -18.17
C THR A 49 -39.04 11.87 -18.62
N HIS A 50 -38.83 11.75 -19.93
CA HIS A 50 -37.51 11.77 -20.51
C HIS A 50 -37.71 12.44 -21.87
N GLY A 51 -37.07 13.59 -22.08
CA GLY A 51 -37.40 14.42 -23.25
C GLY A 51 -38.88 14.79 -23.25
N ALA A 52 -39.43 14.95 -22.04
CA ALA A 52 -40.84 15.31 -21.83
C ALA A 52 -41.85 14.21 -22.14
N SER A 53 -41.35 13.03 -22.53
CA SER A 53 -42.22 11.89 -22.85
C SER A 53 -42.43 11.01 -21.65
N ARG A 54 -43.67 10.52 -21.49
CA ARG A 54 -44.01 9.53 -20.45
C ARG A 54 -43.84 8.08 -20.91
N ASN A 55 -43.19 7.86 -22.05
CA ASN A 55 -42.94 6.48 -22.46
C ASN A 55 -42.09 5.72 -21.42
N PRO A 56 -42.23 4.39 -21.38
CA PRO A 56 -41.46 3.56 -20.44
C PRO A 56 -39.96 3.89 -20.42
N VAL A 57 -39.42 4.07 -19.21
CA VAL A 57 -38.03 4.47 -19.04
C VAL A 57 -37.60 3.98 -17.67
N ALA A 58 -36.31 3.73 -17.54
CA ALA A 58 -35.70 3.46 -16.21
C ALA A 58 -34.61 4.46 -15.94
N VAL A 59 -34.59 4.99 -14.71
CA VAL A 59 -33.51 5.86 -14.25
C VAL A 59 -32.83 5.16 -13.07
N ILE A 60 -31.53 4.93 -13.23
CA ILE A 60 -30.78 4.06 -12.31
C ILE A 60 -29.59 4.77 -11.71
N LYS A 61 -29.36 4.55 -10.40
CA LYS A 61 -28.18 5.07 -9.73
C LYS A 61 -27.38 3.88 -9.23
N VAL A 62 -26.07 3.92 -9.42
CA VAL A 62 -25.18 2.85 -8.94
C VAL A 62 -24.05 3.49 -8.16
N GLU A 63 -24.02 3.21 -6.85
CA GLU A 63 -22.96 3.69 -5.96
C GLU A 63 -22.07 2.52 -5.62
N SER A 64 -20.76 2.76 -5.51
CA SER A 64 -19.81 1.69 -5.13
C SER A 64 -18.48 2.28 -4.70
N ILE A 65 -17.80 1.62 -3.76
CA ILE A 65 -16.41 1.97 -3.48
C ILE A 65 -15.57 1.26 -4.56
N GLY A 66 -15.07 2.05 -5.49
CA GLY A 66 -14.33 1.52 -6.63
C GLY A 66 -15.17 0.69 -7.59
N ALA A 67 -14.51 -0.03 -8.48
CA ALA A 67 -15.15 -0.90 -9.49
C ALA A 67 -15.88 -0.09 -10.56
N LEU A 68 -15.59 1.21 -10.60
CA LEU A 68 -16.28 2.14 -11.50
C LEU A 68 -15.32 2.92 -12.40
N SER A 69 -14.26 2.26 -12.90
CA SER A 69 -13.36 2.92 -13.86
C SER A 69 -14.14 3.18 -15.14
N ALA A 70 -13.61 4.07 -15.98
CA ALA A 70 -14.26 4.37 -17.27
C ALA A 70 -14.49 3.09 -18.09
N ASP A 71 -13.48 2.21 -18.12
CA ASP A 71 -13.63 0.93 -18.82
C ASP A 71 -14.68 0.04 -18.14
N ASP A 72 -14.64 -0.03 -16.80
CA ASP A 72 -15.62 -0.85 -16.08
C ASP A 72 -17.04 -0.41 -16.42
N ASN A 73 -17.25 0.90 -16.50
CA ASN A 73 -18.58 1.46 -16.64
C ASN A 73 -19.17 1.21 -18.03
N ILE A 74 -18.32 1.02 -19.02
CA ILE A 74 -18.81 0.58 -20.32
C ILE A 74 -19.41 -0.81 -20.16
N ARG A 75 -18.68 -1.70 -19.47
CA ARG A 75 -19.20 -3.03 -19.21
C ARG A 75 -20.49 -3.02 -18.38
N HIS A 76 -20.51 -2.30 -17.26
CA HIS A 76 -21.72 -2.31 -16.44
C HIS A 76 -22.90 -1.74 -17.23
N THR A 77 -22.66 -0.70 -18.02
CA THR A 77 -23.76 -0.11 -18.77
C THR A 77 -24.29 -1.09 -19.81
N GLN A 78 -23.39 -1.78 -20.51
CA GLN A 78 -23.83 -2.80 -21.45
C GLN A 78 -24.68 -3.87 -20.76
N LYS A 79 -24.22 -4.36 -19.61
CA LYS A 79 -24.89 -5.45 -18.90
C LYS A 79 -26.21 -5.03 -18.25
N ILE A 80 -26.21 -3.89 -17.55
CA ILE A 80 -27.41 -3.40 -16.93
C ILE A 80 -28.47 -3.07 -18.00
N THR A 81 -28.04 -2.45 -19.09
CA THR A 81 -28.97 -2.09 -20.15
C THR A 81 -29.59 -3.36 -20.75
N GLN A 82 -28.75 -4.33 -21.11
CA GLN A 82 -29.27 -5.59 -21.65
C GLN A 82 -30.23 -6.26 -20.68
N PHE A 83 -29.89 -6.24 -19.39
CA PHE A 83 -30.76 -6.80 -18.36
C PHE A 83 -32.14 -6.11 -18.35
N CYS A 84 -32.15 -4.79 -18.42
CA CYS A 84 -33.40 -4.03 -18.45
C CYS A 84 -34.19 -4.26 -19.74
N GLN A 85 -33.48 -4.41 -20.86
CA GLN A 85 -34.15 -4.75 -22.12
C GLN A 85 -34.84 -6.11 -21.96
N ASP A 86 -34.12 -7.08 -21.41
CA ASP A 86 -34.67 -8.43 -21.24
C ASP A 86 -35.82 -8.51 -20.28
N THR A 87 -35.69 -7.89 -19.11
CA THR A 87 -36.68 -8.05 -18.04
C THR A 87 -37.80 -7.02 -18.09
N LEU A 88 -37.49 -5.78 -18.44
CA LEU A 88 -38.48 -4.70 -18.41
C LEU A 88 -38.97 -4.33 -19.83
N LYS A 89 -38.33 -4.91 -20.84
CA LYS A 89 -38.69 -4.69 -22.26
C LYS A 89 -38.51 -3.23 -22.69
N LEU A 90 -37.54 -2.56 -22.07
CA LEU A 90 -37.22 -1.20 -22.42
C LEU A 90 -36.28 -1.12 -23.62
N PRO A 91 -36.47 -0.12 -24.49
CA PRO A 91 -35.48 0.17 -25.52
C PRO A 91 -34.13 0.55 -24.90
N LYS A 92 -33.03 0.34 -25.63
CA LYS A 92 -31.69 0.68 -25.17
C LYS A 92 -31.56 2.14 -24.78
N ASP A 93 -32.27 3.02 -25.47
CA ASP A 93 -32.12 4.46 -25.24
C ASP A 93 -33.11 4.96 -24.19
N LYS A 94 -33.62 4.03 -23.37
CA LYS A 94 -34.57 4.37 -22.32
C LYS A 94 -34.08 3.82 -20.98
N VAL A 95 -32.77 3.62 -20.90
CA VAL A 95 -32.14 3.17 -19.66
C VAL A 95 -31.04 4.16 -19.34
N ILE A 96 -31.25 4.93 -18.28
CA ILE A 96 -30.33 6.01 -17.94
C ILE A 96 -29.65 5.65 -16.61
N ILE A 97 -28.33 5.69 -16.57
CA ILE A 97 -27.58 5.22 -15.38
C ILE A 97 -26.58 6.28 -14.95
N THR A 98 -26.55 6.57 -13.64
CA THR A 98 -25.51 7.42 -13.10
C THR A 98 -24.68 6.61 -12.10
N TYR A 99 -23.37 6.71 -12.24
CA TYR A 99 -22.40 6.03 -11.36
C TYR A 99 -21.81 7.00 -10.36
N PHE A 100 -21.70 6.54 -9.11
CA PHE A 100 -21.09 7.30 -8.02
C PHE A 100 -19.96 6.49 -7.39
N ASP A 101 -18.73 6.96 -7.57
CA ASP A 101 -17.54 6.28 -7.08
C ASP A 101 -17.20 6.82 -5.69
N LEU A 102 -17.44 5.99 -4.67
CA LEU A 102 -17.38 6.44 -3.27
C LEU A 102 -16.05 6.16 -2.59
N GLN A 103 -15.68 7.04 -1.65
CA GLN A 103 -14.56 6.78 -0.75
C GLN A 103 -15.08 5.93 0.43
N PRO A 104 -14.22 5.07 1.00
CA PRO A 104 -14.66 4.25 2.10
C PRO A 104 -15.00 5.03 3.37
N ILE A 105 -14.50 6.26 3.49
CA ILE A 105 -14.86 7.12 4.61
C ILE A 105 -16.28 7.68 4.50
N HIS A 106 -16.89 7.49 3.32
CA HIS A 106 -18.25 7.97 3.04
C HIS A 106 -19.33 6.90 2.97
N VAL A 107 -19.06 5.73 3.52
CA VAL A 107 -20.06 4.69 3.58
C VAL A 107 -20.10 4.18 5.01
N GLY A 108 -21.31 4.12 5.55
CA GLY A 108 -21.53 3.50 6.85
C GLY A 108 -22.20 2.15 6.67
N PHE A 109 -21.67 1.13 7.35
CA PHE A 109 -22.27 -0.18 7.30
C PHE A 109 -21.88 -0.91 8.58
N ASN A 110 -22.81 -1.69 9.12
CA ASN A 110 -22.55 -2.47 10.34
C ASN A 110 -22.12 -1.57 11.51
N GLY A 111 -22.66 -0.35 11.53
CA GLY A 111 -22.45 0.56 12.64
C GLY A 111 -21.19 1.38 12.66
N THR A 112 -20.34 1.25 11.64
CA THR A 112 -19.21 2.17 11.51
C THR A 112 -18.92 2.42 10.03
N THR A 113 -17.92 3.23 9.72
CA THR A 113 -17.61 3.44 8.31
C THR A 113 -16.92 2.22 7.72
N VAL A 114 -16.98 2.08 6.40
CA VAL A 114 -16.21 1.01 5.75
C VAL A 114 -14.72 1.17 6.04
N ALA A 115 -14.22 2.41 5.97
CA ALA A 115 -12.78 2.66 6.23
C ALA A 115 -12.39 2.11 7.60
N ALA A 116 -13.22 2.34 8.60
CA ALA A 116 -12.89 1.92 9.98
C ALA A 116 -12.89 0.40 10.17
N ALA A 117 -13.41 -0.34 9.20
CA ALA A 117 -13.53 -1.80 9.33
C ALA A 117 -12.46 -2.55 8.54
N THR A 118 -11.64 -1.83 7.80
CA THR A 118 -10.66 -2.46 6.93
C THR A 118 -9.21 -2.22 7.35
N MET A 119 -8.27 -2.75 6.58
CA MET A 119 -6.84 -2.52 6.81
C MET A 119 -6.43 -1.06 6.66
N PRO B 2 14.84 13.68 6.82
CA PRO B 2 14.76 12.55 5.89
C PRO B 2 14.95 11.20 6.57
N MET B 3 14.35 10.17 5.99
CA MET B 3 14.39 8.79 6.52
C MET B 3 14.76 7.92 5.34
N VAL B 4 15.89 7.24 5.48
CA VAL B 4 16.47 6.49 4.36
C VAL B 4 16.62 5.03 4.72
N ARG B 5 16.30 4.16 3.76
CA ARG B 5 16.49 2.70 3.92
C ARG B 5 17.32 2.22 2.76
N VAL B 6 18.43 1.55 3.06
CA VAL B 6 19.29 0.95 2.03
C VAL B 6 19.31 -0.55 2.23
N ALA B 7 18.82 -1.30 1.24
CA ALA B 7 18.87 -2.76 1.30
C ALA B 7 19.81 -3.26 0.22
N THR B 8 20.63 -4.24 0.55
CA THR B 8 21.55 -4.79 -0.46
C THR B 8 21.74 -6.30 -0.27
N ASN B 9 22.05 -6.98 -1.36
CA ASN B 9 22.41 -8.40 -1.31
C ASN B 9 23.91 -8.59 -1.12
N LEU B 10 24.66 -7.49 -1.09
CA LEU B 10 26.06 -7.57 -0.68
C LEU B 10 26.12 -8.01 0.78
N PRO B 11 27.11 -8.84 1.14
CA PRO B 11 27.19 -9.21 2.56
C PRO B 11 27.52 -8.00 3.43
N ASP B 12 27.14 -8.06 4.70
CA ASP B 12 27.36 -6.95 5.62
C ASP B 12 28.83 -6.49 5.70
N LYS B 13 29.76 -7.43 5.62
CA LYS B 13 31.19 -7.11 5.65
C LYS B 13 31.64 -6.20 4.49
N ASP B 14 30.84 -6.16 3.42
CA ASP B 14 31.15 -5.33 2.24
C ASP B 14 30.53 -3.93 2.30
N VAL B 15 29.70 -3.67 3.31
CA VAL B 15 29.13 -2.36 3.52
C VAL B 15 29.95 -1.68 4.63
N PRO B 16 30.76 -0.67 4.28
CA PRO B 16 31.66 -0.04 5.25
C PRO B 16 30.94 0.39 6.53
N ALA B 17 31.63 0.31 7.67
CA ALA B 17 31.02 0.56 8.98
C ALA B 17 30.51 1.99 9.10
N ASN B 18 31.08 2.90 8.30
CA ASN B 18 30.75 4.34 8.31
C ASN B 18 29.80 4.77 7.20
N PHE B 19 29.26 3.80 6.48
CA PHE B 19 28.33 4.05 5.36
C PHE B 19 27.22 5.01 5.75
N GLU B 20 26.53 4.72 6.87
CA GLU B 20 25.37 5.50 7.32
C GLU B 20 25.73 6.94 7.67
N GLU B 21 26.82 7.12 8.41
CA GLU B 21 27.28 8.46 8.80
C GLU B 21 27.63 9.30 7.56
N ARG B 22 28.33 8.67 6.63
CA ARG B 22 28.70 9.30 5.37
C ARG B 22 27.49 9.67 4.51
N LEU B 23 26.52 8.77 4.41
CA LEU B 23 25.31 9.03 3.64
C LEU B 23 24.48 10.14 4.27
N THR B 24 24.48 10.20 5.61
CA THR B 24 23.84 11.30 6.32
C THR B 24 24.37 12.64 5.85
N ASP B 25 25.70 12.78 5.81
CA ASP B 25 26.31 14.02 5.35
C ASP B 25 26.00 14.35 3.91
N LEU B 26 26.04 13.33 3.05
CA LEU B 26 25.81 13.49 1.63
C LEU B 26 24.43 14.09 1.41
N LEU B 27 23.44 13.53 2.11
CA LEU B 27 22.06 14.00 1.97
C LEU B 27 21.80 15.34 2.66
N ALA B 28 22.46 15.61 3.77
CA ALA B 28 22.31 16.90 4.44
C ALA B 28 22.67 18.00 3.45
N GLU B 29 23.77 17.79 2.74
CA GLU B 29 24.23 18.78 1.77
C GLU B 29 23.34 18.81 0.53
N SER B 30 23.07 17.64 -0.06
CA SER B 30 22.27 17.59 -1.29
C SER B 30 20.84 18.10 -1.11
N MET B 31 20.25 17.78 0.04
CA MET B 31 18.84 18.11 0.30
C MET B 31 18.67 19.42 1.05
N ASN B 32 19.78 20.02 1.47
CA ASN B 32 19.74 21.22 2.32
C ASN B 32 18.89 20.94 3.55
N LYS B 33 19.25 19.86 4.25
CA LYS B 33 18.53 19.43 5.45
C LYS B 33 19.53 19.33 6.61
N PRO B 34 19.08 19.59 7.85
CA PRO B 34 19.99 19.48 8.99
C PRO B 34 20.45 18.04 9.18
N ARG B 35 21.73 17.85 9.49
CA ARG B 35 22.24 16.49 9.78
C ARG B 35 21.43 15.80 10.87
N ASN B 36 20.96 16.56 11.87
CA ASN B 36 20.23 15.94 12.99
C ASN B 36 18.78 15.52 12.68
N ARG B 37 18.35 15.75 11.44
CA ARG B 37 17.00 15.40 11.01
C ARG B 37 17.00 14.20 10.06
N ILE B 38 18.14 13.50 9.98
CA ILE B 38 18.34 12.43 8.98
C ILE B 38 18.58 11.08 9.65
N ALA B 39 17.72 10.11 9.33
CA ALA B 39 17.90 8.73 9.79
C ALA B 39 18.25 7.83 8.61
N ILE B 40 19.21 6.92 8.81
CA ILE B 40 19.64 5.99 7.77
C ILE B 40 19.61 4.55 8.31
N GLU B 41 18.87 3.69 7.62
CA GLU B 41 18.87 2.24 7.91
C GLU B 41 19.62 1.50 6.83
N VAL B 42 20.42 0.50 7.24
CA VAL B 42 21.07 -0.40 6.27
C VAL B 42 20.60 -1.82 6.54
N LEU B 43 20.23 -2.55 5.52
CA LEU B 43 19.97 -3.99 5.67
C LEU B 43 20.84 -4.74 4.66
N ALA B 44 21.96 -5.27 5.09
CA ALA B 44 22.81 -6.00 4.08
C ALA B 44 22.63 -7.53 4.21
N GLY B 45 23.27 -8.29 3.32
CA GLY B 45 23.12 -9.74 3.26
C GLY B 45 21.70 -10.23 3.03
N GLN B 46 20.90 -9.42 2.33
CA GLN B 46 19.51 -9.77 2.07
C GLN B 46 19.37 -10.45 0.71
N ARG B 47 18.36 -11.30 0.60
CA ARG B 47 17.96 -11.87 -0.67
C ARG B 47 17.35 -10.78 -1.52
N ILE B 48 18.03 -10.43 -2.61
CA ILE B 48 17.47 -9.51 -3.60
C ILE B 48 17.86 -9.99 -5.00
N THR B 49 16.90 -9.97 -5.91
CA THR B 49 17.22 -10.13 -7.32
C THR B 49 16.84 -8.85 -8.08
N HIS B 50 17.43 -8.64 -9.21
CA HIS B 50 17.04 -7.52 -10.12
C HIS B 50 17.06 -8.08 -11.52
N GLY B 51 15.97 -8.16 -12.20
CA GLY B 51 15.96 -8.83 -13.53
C GLY B 51 16.24 -10.32 -13.34
N ALA B 52 15.82 -10.87 -12.17
CA ALA B 52 16.03 -12.27 -11.75
C ALA B 52 17.49 -12.65 -11.50
N SER B 53 18.39 -11.67 -11.57
CA SER B 53 19.81 -11.90 -11.28
C SER B 53 20.16 -11.62 -9.82
N ARG B 54 21.00 -12.48 -9.23
CA ARG B 54 21.50 -12.25 -7.88
C ARG B 54 22.77 -11.41 -7.84
N ASN B 55 23.14 -10.78 -8.97
CA ASN B 55 24.28 -9.87 -8.94
C ASN B 55 24.08 -8.76 -7.90
N PRO B 56 25.18 -8.24 -7.34
CA PRO B 56 25.08 -7.16 -6.36
C PRO B 56 24.18 -6.00 -6.81
N VAL B 57 23.29 -5.58 -5.90
CA VAL B 57 22.35 -4.50 -6.19
C VAL B 57 22.01 -3.80 -4.88
N ALA B 58 21.63 -2.52 -4.96
CA ALA B 58 21.14 -1.79 -3.81
C ALA B 58 19.76 -1.23 -4.14
N VAL B 59 18.85 -1.37 -3.20
CA VAL B 59 17.48 -0.83 -3.34
C VAL B 59 17.28 0.15 -2.19
N ILE B 60 16.97 1.39 -2.54
CA ILE B 60 17.08 2.50 -1.59
C ILE B 60 15.74 3.25 -1.55
N LYS B 61 15.29 3.61 -0.35
CA LYS B 61 14.09 4.45 -0.18
C LYS B 61 14.53 5.72 0.53
N VAL B 62 14.09 6.87 0.02
CA VAL B 62 14.39 8.16 0.64
C VAL B 62 13.07 8.87 0.87
N GLU B 63 12.73 9.11 2.14
CA GLU B 63 11.54 9.89 2.51
C GLU B 63 11.96 11.25 3.05
N SER B 64 11.19 12.29 2.74
CA SER B 64 11.51 13.63 3.25
C SER B 64 10.30 14.56 3.13
N ILE B 65 10.17 15.52 4.05
CA ILE B 65 9.21 16.62 3.85
C ILE B 65 9.88 17.63 2.92
N GLY B 66 9.48 17.62 1.66
CA GLY B 66 10.12 18.51 0.68
C GLY B 66 11.55 18.10 0.33
N ALA B 67 12.24 18.99 -0.37
CA ALA B 67 13.60 18.76 -0.89
C ALA B 67 13.67 17.65 -1.93
N LEU B 68 12.52 17.31 -2.52
CA LEU B 68 12.40 16.19 -3.45
C LEU B 68 11.74 16.61 -4.77
N SER B 69 12.05 17.82 -5.24
CA SER B 69 11.57 18.22 -6.56
C SER B 69 12.21 17.37 -7.64
N ALA B 70 11.62 17.38 -8.83
CA ALA B 70 12.18 16.67 -9.98
C ALA B 70 13.65 17.01 -10.20
N ASP B 71 13.98 18.29 -10.15
CA ASP B 71 15.37 18.70 -10.37
C ASP B 71 16.25 18.28 -9.20
N ASP B 72 15.73 18.45 -7.97
CA ASP B 72 16.44 17.99 -6.77
C ASP B 72 16.82 16.52 -6.91
N ASN B 73 15.87 15.72 -7.38
CA ASN B 73 16.04 14.26 -7.42
C ASN B 73 17.07 13.78 -8.43
N ILE B 74 17.28 14.56 -9.48
CA ILE B 74 18.39 14.31 -10.40
C ILE B 74 19.72 14.40 -9.66
N ARG B 75 19.88 15.48 -8.89
CA ARG B 75 21.09 15.70 -8.08
C ARG B 75 21.25 14.61 -7.03
N HIS B 76 20.21 14.32 -6.26
CA HIS B 76 20.32 13.29 -5.21
C HIS B 76 20.71 11.95 -5.84
N THR B 77 20.06 11.60 -6.95
CA THR B 77 20.32 10.32 -7.59
C THR B 77 21.76 10.24 -8.09
N GLN B 78 22.27 11.29 -8.72
CA GLN B 78 23.67 11.24 -9.16
C GLN B 78 24.65 11.09 -8.00
N LYS B 79 24.37 11.79 -6.89
CA LYS B 79 25.26 11.75 -5.72
C LYS B 79 25.18 10.41 -4.98
N ILE B 80 23.96 9.96 -4.69
CA ILE B 80 23.77 8.66 -4.03
C ILE B 80 24.39 7.54 -4.87
N THR B 81 24.16 7.58 -6.18
CA THR B 81 24.69 6.56 -7.08
C THR B 81 26.21 6.51 -7.11
N GLN B 82 26.85 7.67 -7.22
CA GLN B 82 28.32 7.74 -7.21
C GLN B 82 28.87 7.24 -5.86
N PHE B 83 28.17 7.60 -4.80
CA PHE B 83 28.55 7.18 -3.45
C PHE B 83 28.54 5.66 -3.34
N CYS B 84 27.49 5.03 -3.88
CA CYS B 84 27.37 3.57 -3.86
C CYS B 84 28.39 2.90 -4.76
N GLN B 85 28.69 3.53 -5.89
CA GLN B 85 29.74 3.05 -6.78
C GLN B 85 31.06 3.03 -6.03
N ASP B 86 31.37 4.13 -5.34
CA ASP B 86 32.66 4.26 -4.64
C ASP B 86 32.79 3.37 -3.40
N THR B 87 31.72 3.28 -2.61
CA THR B 87 31.78 2.55 -1.34
C THR B 87 31.44 1.06 -1.46
N LEU B 88 30.46 0.73 -2.31
CA LEU B 88 29.96 -0.64 -2.45
C LEU B 88 30.44 -1.34 -3.73
N LYS B 89 31.10 -0.58 -4.59
CA LYS B 89 31.59 -1.09 -5.89
C LYS B 89 30.48 -1.60 -6.80
N LEU B 90 29.30 -0.98 -6.68
CA LEU B 90 28.16 -1.33 -7.54
C LEU B 90 28.23 -0.61 -8.88
N PRO B 91 27.80 -1.28 -9.97
CA PRO B 91 27.60 -0.57 -11.23
C PRO B 91 26.51 0.47 -11.09
N LYS B 92 26.51 1.48 -11.96
CA LYS B 92 25.48 2.52 -11.88
C LYS B 92 24.06 2.01 -12.16
N ASP B 93 23.95 0.93 -12.93
CA ASP B 93 22.64 0.35 -13.23
C ASP B 93 22.18 -0.69 -12.20
N LYS B 94 22.84 -0.67 -11.04
CA LYS B 94 22.48 -1.56 -9.93
C LYS B 94 22.21 -0.76 -8.64
N VAL B 95 21.81 0.50 -8.82
CA VAL B 95 21.39 1.34 -7.70
C VAL B 95 19.99 1.87 -8.01
N ILE B 96 19.01 1.40 -7.24
CA ILE B 96 17.60 1.72 -7.47
C ILE B 96 17.10 2.54 -6.29
N ILE B 97 16.52 3.70 -6.60
CA ILE B 97 16.09 4.63 -5.54
C ILE B 97 14.63 5.04 -5.74
N THR B 98 13.85 5.00 -4.66
CA THR B 98 12.49 5.53 -4.69
C THR B 98 12.41 6.68 -3.69
N TYR B 99 11.85 7.79 -4.14
CA TYR B 99 11.68 8.99 -3.32
C TYR B 99 10.22 9.14 -2.89
N PHE B 100 10.02 9.51 -1.62
CA PHE B 100 8.68 9.72 -1.06
C PHE B 100 8.64 11.12 -0.46
N ASP B 101 7.82 11.98 -1.05
CA ASP B 101 7.67 13.38 -0.62
C ASP B 101 6.52 13.45 0.36
N LEU B 102 6.83 13.80 1.61
CA LEU B 102 5.89 13.71 2.73
C LEU B 102 5.30 15.05 3.15
N GLN B 103 4.08 15.01 3.65
CA GLN B 103 3.44 16.17 4.30
C GLN B 103 3.82 16.16 5.78
N PRO B 104 3.94 17.35 6.40
CA PRO B 104 4.31 17.42 7.82
C PRO B 104 3.27 16.82 8.77
N ILE B 105 2.03 16.66 8.30
CA ILE B 105 0.99 16.02 9.11
C ILE B 105 1.16 14.50 9.13
N HIS B 106 2.08 13.98 8.31
CA HIS B 106 2.29 12.54 8.18
C HIS B 106 3.65 12.10 8.75
N VAL B 107 4.26 12.96 9.56
CA VAL B 107 5.53 12.61 10.19
C VAL B 107 5.43 12.87 11.69
N GLY B 108 5.79 11.86 12.49
CA GLY B 108 5.85 12.02 13.93
C GLY B 108 7.29 12.03 14.38
N PHE B 109 7.64 13.03 15.20
CA PHE B 109 8.97 13.13 15.76
C PHE B 109 8.89 13.89 17.07
N ASN B 110 9.68 13.48 18.06
CA ASN B 110 9.69 14.15 19.36
C ASN B 110 8.31 14.19 20.03
N GLY B 111 7.51 13.16 19.78
CA GLY B 111 6.26 12.96 20.49
C GLY B 111 5.02 13.64 19.91
N THR B 112 5.17 14.34 18.78
CA THR B 112 3.98 14.88 18.09
C THR B 112 4.26 14.95 16.60
N THR B 113 3.30 15.40 15.80
CA THR B 113 3.63 15.54 14.39
C THR B 113 4.57 16.71 14.13
N VAL B 114 5.23 16.69 12.99
CA VAL B 114 6.07 17.81 12.57
C VAL B 114 5.18 19.06 12.44
N ALA B 115 3.99 18.88 11.87
CA ALA B 115 3.04 20.00 11.72
C ALA B 115 2.73 20.65 13.07
N ALA B 116 2.49 19.82 14.09
CA ALA B 116 2.06 20.33 15.39
C ALA B 116 3.15 21.12 16.11
N ALA B 117 4.40 20.92 15.71
CA ALA B 117 5.54 21.52 16.42
C ALA B 117 6.04 22.82 15.77
N THR B 118 5.45 23.17 14.63
CA THR B 118 5.93 24.32 13.88
C THR B 118 4.91 25.45 13.84
N MET B 119 5.21 26.49 13.06
CA MET B 119 4.30 27.63 12.94
C MET B 119 3.01 27.29 12.20
N PRO C 2 9.42 -2.24 -11.43
CA PRO C 2 8.77 -2.47 -10.14
C PRO C 2 9.77 -2.87 -9.07
N MET C 3 9.46 -2.47 -7.84
CA MET C 3 10.31 -2.77 -6.69
C MET C 3 9.41 -3.45 -5.68
N VAL C 4 9.72 -4.71 -5.40
CA VAL C 4 8.87 -5.58 -4.60
C VAL C 4 9.61 -6.04 -3.36
N ARG C 5 8.94 -5.96 -2.22
CA ARG C 5 9.52 -6.46 -0.97
C ARG C 5 8.55 -7.47 -0.38
N VAL C 6 9.05 -8.67 -0.10
CA VAL C 6 8.23 -9.70 0.54
C VAL C 6 8.85 -10.01 1.91
N ALA C 7 8.10 -9.74 2.97
CA ALA C 7 8.54 -10.09 4.33
C ALA C 7 7.67 -11.22 4.86
N THR C 8 8.29 -12.22 5.49
CA THR C 8 7.50 -13.29 6.08
C THR C 8 8.08 -13.74 7.41
N ASN C 9 7.22 -14.27 8.27
CA ASN C 9 7.69 -14.85 9.54
C ASN C 9 8.01 -16.34 9.39
N LEU C 10 7.77 -16.90 8.20
CA LEU C 10 8.24 -18.25 7.86
C LEU C 10 9.77 -18.24 7.82
N PRO C 11 10.42 -19.34 8.27
CA PRO C 11 11.87 -19.38 8.20
C PRO C 11 12.37 -19.35 6.75
N ASP C 12 13.58 -18.83 6.54
CA ASP C 12 14.17 -18.76 5.21
C ASP C 12 14.16 -20.10 4.45
N LYS C 13 14.32 -21.20 5.17
CA LYS C 13 14.33 -22.53 4.54
C LYS C 13 13.01 -22.89 3.86
N ASP C 14 11.93 -22.22 4.25
CA ASP C 14 10.62 -22.44 3.65
C ASP C 14 10.38 -21.57 2.41
N VAL C 15 11.29 -20.65 2.12
CA VAL C 15 11.17 -19.82 0.94
C VAL C 15 12.12 -20.36 -0.14
N PRO C 16 11.56 -21.00 -1.20
CA PRO C 16 12.39 -21.69 -2.19
C PRO C 16 13.39 -20.75 -2.87
N ALA C 17 14.54 -21.31 -3.26
CA ALA C 17 15.62 -20.53 -3.88
C ALA C 17 15.15 -19.78 -5.14
N ASN C 18 14.18 -20.36 -5.83
CA ASN C 18 13.67 -19.80 -7.09
C ASN C 18 12.46 -18.89 -6.93
N PHE C 19 12.16 -18.53 -5.68
CA PHE C 19 11.01 -17.69 -5.36
C PHE C 19 11.08 -16.36 -6.10
N GLU C 20 12.23 -15.69 -5.99
CA GLU C 20 12.40 -14.36 -6.61
C GLU C 20 12.30 -14.41 -8.13
N GLU C 21 12.95 -15.40 -8.76
CA GLU C 21 12.88 -15.54 -10.22
C GLU C 21 11.47 -15.83 -10.70
N ARG C 22 10.77 -16.73 -10.02
CA ARG C 22 9.40 -17.05 -10.39
C ARG C 22 8.44 -15.85 -10.19
N LEU C 23 8.65 -15.10 -9.11
CA LEU C 23 7.82 -13.93 -8.85
C LEU C 23 8.10 -12.84 -9.89
N THR C 24 9.35 -12.76 -10.32
CA THR C 24 9.76 -11.79 -11.35
C THR C 24 8.97 -12.09 -12.64
N ASP C 25 8.92 -13.36 -13.03
CA ASP C 25 8.18 -13.77 -14.23
C ASP C 25 6.68 -13.51 -14.09
N LEU C 26 6.12 -13.84 -12.93
CA LEU C 26 4.70 -13.65 -12.65
C LEU C 26 4.29 -12.19 -12.78
N LEU C 27 5.11 -11.30 -12.21
CA LEU C 27 4.79 -9.87 -12.23
C LEU C 27 5.07 -9.24 -13.58
N ALA C 28 6.10 -9.70 -14.27
CA ALA C 28 6.39 -9.19 -15.63
C ALA C 28 5.15 -9.39 -16.50
N GLU C 29 4.56 -10.57 -16.41
CA GLU C 29 3.36 -10.89 -17.17
C GLU C 29 2.15 -10.11 -16.65
N SER C 30 1.97 -10.08 -15.33
CA SER C 30 0.77 -9.46 -14.77
C SER C 30 0.77 -7.95 -14.98
N MET C 31 1.93 -7.32 -14.83
CA MET C 31 2.04 -5.87 -14.86
C MET C 31 2.40 -5.32 -16.23
N ASN C 32 2.70 -6.21 -17.18
CA ASN C 32 3.18 -5.77 -18.51
C ASN C 32 4.44 -4.90 -18.37
N LYS C 33 5.40 -5.42 -17.61
CA LYS C 33 6.68 -4.78 -17.33
C LYS C 33 7.80 -5.70 -17.81
N PRO C 34 8.93 -5.11 -18.24
CA PRO C 34 10.10 -5.92 -18.62
C PRO C 34 10.68 -6.62 -17.40
N ARG C 35 11.14 -7.85 -17.57
CA ARG C 35 11.75 -8.58 -16.45
C ARG C 35 12.95 -7.84 -15.88
N ASN C 36 13.72 -7.16 -16.74
CA ASN C 36 14.92 -6.44 -16.30
C ASN C 36 14.65 -5.18 -15.47
N ARG C 37 13.37 -4.80 -15.37
CA ARG C 37 12.98 -3.62 -14.60
C ARG C 37 12.41 -4.01 -13.24
N ILE C 38 12.48 -5.30 -12.89
CA ILE C 38 11.84 -5.79 -11.68
C ILE C 38 12.87 -6.23 -10.63
N ALA C 39 12.78 -5.63 -9.44
CA ALA C 39 13.63 -6.00 -8.30
C ALA C 39 12.75 -6.68 -7.25
N ILE C 40 13.22 -7.80 -6.68
CA ILE C 40 12.50 -8.50 -5.63
C ILE C 40 13.38 -8.64 -4.39
N GLU C 41 12.91 -8.15 -3.25
CA GLU C 41 13.57 -8.35 -1.95
C GLU C 41 12.78 -9.39 -1.17
N VAL C 42 13.48 -10.34 -0.53
CA VAL C 42 12.80 -11.31 0.33
C VAL C 42 13.44 -11.27 1.71
N LEU C 43 12.61 -11.08 2.73
CA LEU C 43 13.10 -11.05 4.12
C LEU C 43 12.30 -12.10 4.90
N ALA C 44 12.93 -13.24 5.17
CA ALA C 44 12.26 -14.32 5.88
C ALA C 44 12.76 -14.42 7.33
N GLY C 45 12.08 -15.22 8.14
CA GLY C 45 12.45 -15.40 9.54
C GLY C 45 12.26 -14.13 10.36
N GLN C 46 11.36 -13.25 9.92
CA GLN C 46 11.15 -11.96 10.55
C GLN C 46 10.04 -12.00 11.60
N ARG C 47 10.15 -11.19 12.65
CA ARG C 47 9.02 -10.96 13.56
C ARG C 47 7.89 -10.23 12.83
N ILE C 48 6.79 -10.94 12.64
CA ILE C 48 5.56 -10.35 12.10
C ILE C 48 4.36 -10.90 12.85
N THR C 49 3.45 -10.00 13.26
CA THR C 49 2.15 -10.45 13.75
C THR C 49 1.06 -9.88 12.87
N HIS C 50 -0.08 -10.55 12.87
CA HIS C 50 -1.27 -10.11 12.18
C HIS C 50 -2.41 -10.45 13.10
N GLY C 51 -3.16 -9.43 13.54
CA GLY C 51 -4.17 -9.64 14.56
C GLY C 51 -3.52 -10.12 15.86
N ALA C 52 -2.27 -9.71 16.07
CA ALA C 52 -1.43 -10.04 17.23
C ALA C 52 -0.98 -11.50 17.19
N SER C 53 -1.33 -12.21 16.12
CA SER C 53 -0.93 -13.61 15.97
C SER C 53 0.38 -13.80 15.19
N ARG C 54 1.24 -14.70 15.67
CA ARG C 54 2.48 -15.05 14.94
C ARG C 54 2.29 -16.17 13.92
N ASN C 55 1.05 -16.54 13.61
CA ASN C 55 0.79 -17.52 12.54
C ASN C 55 1.47 -17.08 11.25
N PRO C 56 1.90 -18.03 10.40
CA PRO C 56 2.55 -17.67 9.13
C PRO C 56 1.79 -16.60 8.34
N VAL C 57 2.53 -15.62 7.85
CA VAL C 57 1.93 -14.49 7.13
C VAL C 57 2.99 -13.90 6.20
N ALA C 58 2.55 -13.24 5.12
CA ALA C 58 3.46 -12.51 4.27
C ALA C 58 2.92 -11.10 4.16
N VAL C 59 3.82 -10.14 4.28
CA VAL C 59 3.50 -8.72 4.12
C VAL C 59 4.34 -8.21 2.97
N ILE C 60 3.66 -7.73 1.92
CA ILE C 60 4.34 -7.46 0.66
C ILE C 60 4.11 -6.01 0.24
N LYS C 61 5.14 -5.41 -0.34
CA LYS C 61 5.05 -4.06 -0.91
C LYS C 61 5.35 -4.16 -2.40
N VAL C 62 4.56 -3.48 -3.23
CA VAL C 62 4.83 -3.43 -4.67
C VAL C 62 4.84 -1.97 -5.11
N GLU C 63 5.98 -1.49 -5.58
CA GLU C 63 6.10 -0.13 -6.15
C GLU C 63 6.23 -0.23 -7.64
N SER C 64 5.64 0.70 -8.40
CA SER C 64 5.77 0.67 -9.86
C SER C 64 5.39 2.02 -10.42
N ILE C 65 6.02 2.45 -11.50
CA ILE C 65 5.49 3.60 -12.27
C ILE C 65 4.37 3.06 -13.17
N GLY C 66 3.12 3.39 -12.82
CA GLY C 66 1.96 2.84 -13.53
C GLY C 66 1.75 1.34 -13.31
N ALA C 67 0.83 0.77 -14.08
CA ALA C 67 0.45 -0.64 -14.03
C ALA C 67 -0.25 -1.04 -12.73
N LEU C 68 -0.75 -0.04 -11.99
CA LEU C 68 -1.35 -0.25 -10.68
C LEU C 68 -2.73 0.39 -10.59
N SER C 69 -3.52 0.25 -11.66
CA SER C 69 -4.93 0.68 -11.56
C SER C 69 -5.69 -0.23 -10.63
N ALA C 70 -6.87 0.22 -10.20
CA ALA C 70 -7.76 -0.60 -9.37
C ALA C 70 -8.02 -1.97 -9.98
N ASP C 71 -8.30 -2.02 -11.28
CA ASP C 71 -8.51 -3.27 -11.99
C ASP C 71 -7.23 -4.11 -12.03
N ASP C 72 -6.10 -3.46 -12.33
CA ASP C 72 -4.81 -4.15 -12.40
C ASP C 72 -4.54 -4.83 -11.05
N ASN C 73 -4.85 -4.13 -9.98
CA ASN C 73 -4.46 -4.61 -8.64
C ASN C 73 -5.26 -5.79 -8.16
N ILE C 74 -6.49 -5.93 -8.66
CA ILE C 74 -7.27 -7.14 -8.40
C ILE C 74 -6.49 -8.32 -9.01
N ARG C 75 -6.04 -8.16 -10.25
CA ARG C 75 -5.28 -9.22 -10.91
C ARG C 75 -3.96 -9.51 -10.19
N HIS C 76 -3.17 -8.47 -9.89
CA HIS C 76 -1.89 -8.72 -9.24
C HIS C 76 -2.13 -9.44 -7.91
N THR C 77 -3.16 -9.00 -7.18
CA THR C 77 -3.45 -9.61 -5.87
C THR C 77 -3.83 -11.08 -5.99
N GLN C 78 -4.71 -11.38 -6.94
CA GLN C 78 -5.09 -12.76 -7.20
C GLN C 78 -3.85 -13.62 -7.49
N LYS C 79 -2.99 -13.13 -8.37
CA LYS C 79 -1.81 -13.88 -8.81
C LYS C 79 -0.73 -14.03 -7.72
N ILE C 80 -0.43 -12.94 -7.03
CA ILE C 80 0.58 -12.97 -5.98
C ILE C 80 0.09 -13.85 -4.82
N THR C 81 -1.18 -13.74 -4.48
CA THR C 81 -1.75 -14.54 -3.39
C THR C 81 -1.71 -16.03 -3.73
N GLN C 82 -2.10 -16.38 -4.96
CA GLN C 82 -2.05 -17.80 -5.37
C GLN C 82 -0.60 -18.32 -5.36
N PHE C 83 0.33 -17.46 -5.79
CA PHE C 83 1.76 -17.78 -5.81
C PHE C 83 2.27 -18.05 -4.40
N CYS C 84 1.84 -17.22 -3.44
CA CYS C 84 2.21 -17.41 -2.04
C CYS C 84 1.58 -18.67 -1.42
N GLN C 85 0.36 -18.99 -1.82
CA GLN C 85 -0.30 -20.22 -1.36
C GLN C 85 0.46 -21.44 -1.88
N ASP C 86 0.87 -21.39 -3.15
CA ASP C 86 1.55 -22.52 -3.78
C ASP C 86 2.97 -22.74 -3.26
N THR C 87 3.74 -21.65 -3.12
CA THR C 87 5.16 -21.74 -2.74
C THR C 87 5.40 -21.76 -1.24
N LEU C 88 4.63 -20.97 -0.50
CA LEU C 88 4.85 -20.78 0.93
C LEU C 88 3.82 -21.48 1.81
N LYS C 89 2.79 -22.03 1.17
CA LYS C 89 1.69 -22.73 1.84
C LYS C 89 0.89 -21.83 2.78
N LEU C 90 0.86 -20.54 2.48
CA LEU C 90 0.06 -19.60 3.28
C LEU C 90 -1.41 -19.66 2.93
N PRO C 91 -2.29 -19.50 3.93
CA PRO C 91 -3.71 -19.31 3.65
C PRO C 91 -3.91 -18.03 2.84
N LYS C 92 -4.99 -18.02 2.06
CA LYS C 92 -5.35 -16.87 1.26
C LYS C 92 -5.44 -15.58 2.10
N ASP C 93 -5.96 -15.69 3.32
CA ASP C 93 -6.12 -14.54 4.21
C ASP C 93 -4.88 -14.19 5.06
N LYS C 94 -3.70 -14.68 4.66
CA LYS C 94 -2.44 -14.36 5.34
C LYS C 94 -1.44 -13.79 4.34
N VAL C 95 -1.96 -13.13 3.30
CA VAL C 95 -1.11 -12.46 2.32
C VAL C 95 -1.61 -11.02 2.22
N ILE C 96 -0.79 -10.08 2.70
CA ILE C 96 -1.16 -8.68 2.76
C ILE C 96 -0.25 -7.91 1.80
N ILE C 97 -0.87 -7.13 0.90
CA ILE C 97 -0.10 -6.41 -0.11
C ILE C 97 -0.46 -4.91 -0.14
N THR C 98 0.57 -4.06 -0.22
CA THR C 98 0.36 -2.62 -0.44
C THR C 98 1.01 -2.21 -1.75
N TYR C 99 0.26 -1.46 -2.56
CA TYR C 99 0.73 -1.01 -3.87
C TYR C 99 1.05 0.47 -3.80
N PHE C 100 2.15 0.86 -4.42
CA PHE C 100 2.57 2.26 -4.44
C PHE C 100 2.78 2.67 -5.90
N ASP C 101 1.93 3.56 -6.41
CA ASP C 101 2.02 4.03 -7.80
C ASP C 101 2.94 5.26 -7.82
N LEU C 102 4.06 5.15 -8.52
CA LEU C 102 5.13 6.15 -8.46
C LEU C 102 5.15 7.07 -9.67
N GLN C 103 5.58 8.30 -9.45
CA GLN C 103 5.90 9.22 -10.55
C GLN C 103 7.33 8.99 -11.01
N PRO C 104 7.61 9.21 -12.33
CA PRO C 104 8.98 9.00 -12.81
C PRO C 104 10.01 9.99 -12.24
N ILE C 105 9.57 11.11 -11.71
CA ILE C 105 10.48 12.06 -11.07
C ILE C 105 10.90 11.59 -9.67
N HIS C 106 10.24 10.51 -9.20
CA HIS C 106 10.50 9.98 -7.87
C HIS C 106 11.21 8.63 -7.89
N VAL C 107 11.75 8.26 -9.05
CA VAL C 107 12.53 7.03 -9.15
C VAL C 107 13.91 7.34 -9.71
N GLY C 108 14.94 6.90 -9.00
CA GLY C 108 16.31 7.04 -9.47
C GLY C 108 16.80 5.69 -9.98
N PHE C 109 17.31 5.67 -11.20
CA PHE C 109 17.89 4.46 -11.76
C PHE C 109 18.97 4.81 -12.78
N ASN C 110 20.06 4.05 -12.79
CA ASN C 110 21.15 4.28 -13.72
C ASN C 110 21.80 5.69 -13.59
N GLY C 111 21.78 6.23 -12.38
CA GLY C 111 22.50 7.46 -12.09
C GLY C 111 21.70 8.76 -12.26
N THR C 112 20.45 8.63 -12.72
CA THR C 112 19.56 9.79 -12.83
C THR C 112 18.11 9.39 -12.61
N THR C 113 17.17 10.34 -12.67
CA THR C 113 15.77 9.95 -12.50
C THR C 113 15.25 9.24 -13.74
N VAL C 114 14.19 8.47 -13.58
CA VAL C 114 13.53 7.87 -14.74
C VAL C 114 13.03 8.97 -15.69
N ALA C 115 12.49 10.05 -15.11
CA ALA C 115 11.99 11.16 -15.93
C ALA C 115 13.08 11.73 -16.83
N ALA C 116 14.29 11.90 -16.28
CA ALA C 116 15.41 12.51 -17.01
C ALA C 116 15.92 11.69 -18.17
N ALA C 117 15.57 10.40 -18.22
CA ALA C 117 16.08 9.48 -19.21
C ALA C 117 15.08 9.20 -20.35
N THR C 118 13.88 9.75 -20.22
CA THR C 118 12.84 9.41 -21.18
C THR C 118 12.43 10.60 -22.06
N MET C 119 11.42 10.40 -22.90
CA MET C 119 10.91 11.48 -23.76
C MET C 119 10.25 12.60 -22.96
N PRO D 2 -4.31 -1.72 9.10
CA PRO D 2 -3.02 -1.02 9.16
C PRO D 2 -1.83 -1.96 9.06
N MET D 3 -0.75 -1.45 8.50
CA MET D 3 0.47 -2.24 8.30
C MET D 3 1.62 -1.42 8.86
N VAL D 4 2.25 -1.96 9.90
CA VAL D 4 3.22 -1.19 10.68
C VAL D 4 4.56 -1.88 10.59
N ARG D 5 5.62 -1.09 10.42
CA ARG D 5 6.99 -1.62 10.41
C ARG D 5 7.79 -0.84 11.46
N VAL D 6 8.37 -1.56 12.43
CA VAL D 6 9.19 -0.91 13.45
C VAL D 6 10.60 -1.45 13.29
N ALA D 7 11.55 -0.55 12.99
CA ALA D 7 12.96 -0.91 12.89
C ALA D 7 13.74 -0.26 14.02
N THR D 8 14.62 -1.01 14.65
CA THR D 8 15.45 -0.43 15.69
C THR D 8 16.87 -1.01 15.66
N ASN D 9 17.81 -0.19 16.13
CA ASN D 9 19.20 -0.62 16.35
C ASN D 9 19.39 -1.24 17.74
N LEU D 10 18.35 -1.20 18.57
CA LEU D 10 18.38 -2.01 19.81
C LEU D 10 18.42 -3.48 19.44
N PRO D 11 19.15 -4.29 20.23
CA PRO D 11 19.13 -5.73 19.96
C PRO D 11 17.74 -6.34 20.14
N ASP D 12 17.48 -7.43 19.43
CA ASP D 12 16.20 -8.11 19.48
C ASP D 12 15.78 -8.48 20.91
N LYS D 13 16.74 -8.87 21.74
CA LYS D 13 16.46 -9.25 23.11
C LYS D 13 15.84 -8.13 23.92
N ASP D 14 16.05 -6.87 23.50
CA ASP D 14 15.51 -5.69 24.17
C ASP D 14 14.11 -5.32 23.68
N VAL D 15 13.60 -5.99 22.64
CA VAL D 15 12.23 -5.72 22.19
C VAL D 15 11.32 -6.83 22.71
N PRO D 16 10.46 -6.52 23.70
CA PRO D 16 9.76 -7.57 24.43
C PRO D 16 8.87 -8.47 23.56
N ALA D 17 8.67 -9.69 24.02
CA ALA D 17 7.87 -10.66 23.30
C ALA D 17 6.48 -10.16 22.95
N ASN D 18 5.91 -9.33 23.83
CA ASN D 18 4.55 -8.82 23.61
C ASN D 18 4.53 -7.42 22.97
N PHE D 19 5.67 -7.02 22.40
CA PHE D 19 5.76 -5.69 21.77
C PHE D 19 4.70 -5.56 20.66
N GLU D 20 4.67 -6.54 19.75
CA GLU D 20 3.70 -6.50 18.64
C GLU D 20 2.24 -6.53 19.11
N GLU D 21 1.93 -7.42 20.07
CA GLU D 21 0.58 -7.48 20.60
C GLU D 21 0.14 -6.14 21.22
N ARG D 22 0.99 -5.57 22.06
CA ARG D 22 0.65 -4.32 22.74
C ARG D 22 0.50 -3.16 21.75
N LEU D 23 1.37 -3.10 20.76
CA LEU D 23 1.30 -2.07 19.70
C LEU D 23 0.02 -2.24 18.88
N THR D 24 -0.34 -3.50 18.59
CA THR D 24 -1.60 -3.82 17.92
C THR D 24 -2.79 -3.27 18.66
N ASP D 25 -2.86 -3.53 19.96
CA ASP D 25 -3.96 -3.05 20.79
C ASP D 25 -3.98 -1.53 20.88
N LEU D 26 -2.80 -0.93 21.01
CA LEU D 26 -2.64 0.51 21.10
C LEU D 26 -3.23 1.16 19.85
N LEU D 27 -2.88 0.61 18.69
CA LEU D 27 -3.30 1.21 17.43
C LEU D 27 -4.78 0.92 17.12
N ALA D 28 -5.26 -0.26 17.52
CA ALA D 28 -6.66 -0.59 17.29
C ALA D 28 -7.51 0.49 17.97
N GLU D 29 -7.11 0.85 19.18
CA GLU D 29 -7.87 1.80 19.96
C GLU D 29 -7.67 3.23 19.44
N SER D 30 -6.42 3.60 19.14
CA SER D 30 -6.14 4.98 18.69
C SER D 30 -6.72 5.27 17.31
N MET D 31 -6.64 4.26 16.44
CA MET D 31 -7.05 4.43 15.04
C MET D 31 -8.50 4.03 14.75
N ASN D 32 -9.20 3.48 15.75
CA ASN D 32 -10.56 2.95 15.54
C ASN D 32 -10.56 1.89 14.44
N LYS D 33 -9.66 0.92 14.56
CA LYS D 33 -9.46 -0.11 13.56
C LYS D 33 -9.57 -1.45 14.28
N PRO D 34 -10.07 -2.49 13.60
CA PRO D 34 -10.13 -3.81 14.24
C PRO D 34 -8.73 -4.41 14.44
N ARG D 35 -8.50 -5.04 15.59
CA ARG D 35 -7.21 -5.68 15.87
C ARG D 35 -6.82 -6.66 14.78
N ASN D 36 -7.81 -7.39 14.26
CA ASN D 36 -7.53 -8.39 13.23
C ASN D 36 -7.14 -7.80 11.87
N ARG D 37 -7.22 -6.48 11.72
CA ARG D 37 -6.80 -5.82 10.47
C ARG D 37 -5.43 -5.17 10.58
N ILE D 38 -4.72 -5.46 11.68
CA ILE D 38 -3.45 -4.80 11.95
C ILE D 38 -2.29 -5.79 11.90
N ALA D 39 -1.31 -5.46 11.08
CA ALA D 39 -0.08 -6.25 10.99
C ALA D 39 1.09 -5.43 11.52
N ILE D 40 1.96 -6.07 12.30
CA ILE D 40 3.17 -5.41 12.82
C ILE D 40 4.40 -6.21 12.40
N GLU D 41 5.36 -5.54 11.76
CA GLU D 41 6.69 -6.11 11.49
C GLU D 41 7.68 -5.48 12.47
N VAL D 42 8.55 -6.31 13.06
CA VAL D 42 9.62 -5.79 13.92
C VAL D 42 10.96 -6.26 13.37
N LEU D 43 11.84 -5.30 13.11
CA LEU D 43 13.20 -5.58 12.67
C LEU D 43 14.13 -4.96 13.69
N ALA D 44 14.64 -5.80 14.58
CA ALA D 44 15.59 -5.34 15.58
C ALA D 44 17.04 -5.76 15.25
N GLY D 45 17.99 -5.27 16.04
CA GLY D 45 19.41 -5.51 15.80
C GLY D 45 19.86 -4.95 14.46
N GLN D 46 19.19 -3.90 14.00
CA GLN D 46 19.46 -3.30 12.69
C GLN D 46 20.54 -2.23 12.72
N ARG D 47 21.22 -2.02 11.59
CA ARG D 47 22.12 -0.89 11.46
C ARG D 47 21.27 0.36 11.22
N ILE D 48 21.28 1.29 12.17
CA ILE D 48 20.54 2.56 12.01
C ILE D 48 21.32 3.66 12.65
N THR D 49 21.42 4.78 11.95
CA THR D 49 21.96 5.96 12.54
C THR D 49 20.90 7.07 12.44
N HIS D 50 20.92 7.99 13.39
CA HIS D 50 20.03 9.16 13.35
C HIS D 50 20.83 10.36 13.79
N GLY D 51 20.87 11.39 12.94
CA GLY D 51 21.80 12.51 13.16
C GLY D 51 23.26 12.04 13.18
N ALA D 52 23.51 10.96 12.45
CA ALA D 52 24.82 10.29 12.37
C ALA D 52 25.27 9.68 13.69
N SER D 53 24.34 9.55 14.63
CA SER D 53 24.60 8.88 15.92
C SER D 53 24.11 7.44 15.92
N ARG D 54 24.88 6.55 16.54
CA ARG D 54 24.48 5.16 16.71
C ARG D 54 23.64 4.91 17.97
N ASN D 55 23.25 5.99 18.66
CA ASN D 55 22.40 5.88 19.83
C ASN D 55 21.09 5.16 19.49
N PRO D 56 20.51 4.45 20.47
CA PRO D 56 19.25 3.75 20.25
C PRO D 56 18.19 4.64 19.61
N VAL D 57 17.49 4.10 18.61
CA VAL D 57 16.45 4.83 17.88
C VAL D 57 15.46 3.81 17.31
N ALA D 58 14.22 4.26 17.10
CA ALA D 58 13.24 3.44 16.41
C ALA D 58 12.76 4.26 15.23
N VAL D 59 12.70 3.61 14.07
CA VAL D 59 12.17 4.21 12.84
C VAL D 59 10.94 3.40 12.44
N ILE D 60 9.80 4.07 12.38
CA ILE D 60 8.51 3.38 12.28
C ILE D 60 7.71 3.85 11.06
N LYS D 61 7.09 2.89 10.36
CA LYS D 61 6.17 3.20 9.26
C LYS D 61 4.79 2.73 9.65
N VAL D 62 3.78 3.57 9.44
CA VAL D 62 2.41 3.18 9.68
C VAL D 62 1.58 3.40 8.43
N GLU D 63 1.11 2.32 7.82
CA GLU D 63 0.20 2.40 6.64
C GLU D 63 -1.22 2.07 7.06
N SER D 64 -2.20 2.77 6.47
CA SER D 64 -3.59 2.50 6.79
C SER D 64 -4.51 3.11 5.74
N ILE D 65 -5.66 2.46 5.51
CA ILE D 65 -6.71 3.09 4.71
C ILE D 65 -7.46 4.01 5.65
N GLY D 66 -7.15 5.29 5.57
CA GLY D 66 -7.77 6.27 6.45
C GLY D 66 -7.28 6.15 7.88
N ALA D 67 -7.97 6.86 8.77
CA ALA D 67 -7.60 6.91 10.18
C ALA D 67 -6.29 7.65 10.46
N LEU D 68 -5.83 8.43 9.48
CA LEU D 68 -4.55 9.14 9.53
C LEU D 68 -4.69 10.64 9.24
N SER D 69 -5.74 11.26 9.76
CA SER D 69 -5.87 12.72 9.62
C SER D 69 -4.78 13.44 10.41
N ALA D 70 -4.57 14.72 10.09
CA ALA D 70 -3.64 15.54 10.85
C ALA D 70 -3.89 15.44 12.36
N ASP D 71 -5.17 15.56 12.75
CA ASP D 71 -5.58 15.49 14.16
C ASP D 71 -5.30 14.07 14.70
N ASP D 72 -5.66 13.06 13.92
CA ASP D 72 -5.46 11.66 14.36
C ASP D 72 -3.99 11.41 14.65
N ASN D 73 -3.13 11.91 13.77
CA ASN D 73 -1.70 11.61 13.78
C ASN D 73 -0.97 12.20 14.97
N ILE D 74 -1.51 13.29 15.52
CA ILE D 74 -0.96 13.83 16.76
C ILE D 74 -1.18 12.80 17.88
N ARG D 75 -2.41 12.28 17.95
CA ARG D 75 -2.77 11.25 18.95
C ARG D 75 -1.93 9.99 18.76
N HIS D 76 -1.84 9.48 17.53
CA HIS D 76 -1.02 8.26 17.32
C HIS D 76 0.42 8.48 17.70
N THR D 77 0.97 9.66 17.36
CA THR D 77 2.36 9.91 17.63
C THR D 77 2.58 9.96 19.14
N GLN D 78 1.68 10.63 19.85
CA GLN D 78 1.81 10.73 21.30
C GLN D 78 1.82 9.32 21.91
N LYS D 79 0.88 8.50 21.46
CA LYS D 79 0.70 7.16 22.03
C LYS D 79 1.86 6.22 21.67
N ILE D 80 2.24 6.21 20.39
CA ILE D 80 3.35 5.35 19.95
C ILE D 80 4.65 5.75 20.62
N THR D 81 4.89 7.05 20.74
CA THR D 81 6.13 7.52 21.32
C THR D 81 6.22 7.13 22.79
N GLN D 82 5.13 7.34 23.53
CA GLN D 82 5.11 6.97 24.97
C GLN D 82 5.32 5.46 25.10
N PHE D 83 4.70 4.69 24.22
CA PHE D 83 4.86 3.24 24.21
C PHE D 83 6.32 2.82 24.02
N CYS D 84 7.00 3.48 23.08
CA CYS D 84 8.42 3.22 22.83
C CYS D 84 9.30 3.67 23.98
N GLN D 85 8.91 4.76 24.64
CA GLN D 85 9.64 5.21 25.83
C GLN D 85 9.54 4.14 26.91
N ASP D 86 8.33 3.61 27.09
CA ASP D 86 8.03 2.66 28.17
C ASP D 86 8.69 1.31 27.92
N THR D 87 8.59 0.82 26.69
CA THR D 87 9.04 -0.56 26.38
C THR D 87 10.50 -0.66 25.94
N LEU D 88 10.96 0.33 25.19
CA LEU D 88 12.29 0.31 24.62
C LEU D 88 13.27 1.25 25.30
N LYS D 89 12.75 2.08 26.22
CA LYS D 89 13.57 3.01 26.98
C LYS D 89 14.20 4.07 26.09
N LEU D 90 13.53 4.39 24.98
CA LEU D 90 14.01 5.43 24.07
C LEU D 90 13.59 6.81 24.54
N PRO D 91 14.47 7.82 24.31
CA PRO D 91 14.08 9.22 24.50
C PRO D 91 13.01 9.58 23.49
N LYS D 92 12.18 10.58 23.78
CA LYS D 92 11.10 10.91 22.85
C LYS D 92 11.62 11.46 21.52
N ASP D 93 12.86 11.97 21.49
CA ASP D 93 13.46 12.49 20.26
C ASP D 93 14.22 11.42 19.46
N LYS D 94 13.95 10.16 19.81
CA LYS D 94 14.54 9.00 19.12
C LYS D 94 13.45 8.04 18.63
N VAL D 95 12.26 8.58 18.40
CA VAL D 95 11.15 7.81 17.85
C VAL D 95 10.66 8.59 16.63
N ILE D 96 10.88 8.01 15.47
CA ILE D 96 10.55 8.67 14.21
C ILE D 96 9.49 7.85 13.48
N ILE D 97 8.41 8.50 13.07
CA ILE D 97 7.26 7.79 12.51
C ILE D 97 6.85 8.43 11.18
N THR D 98 6.61 7.61 10.18
CA THR D 98 6.01 8.08 8.91
C THR D 98 4.66 7.41 8.70
N TYR D 99 3.65 8.23 8.37
CA TYR D 99 2.31 7.72 8.12
C TYR D 99 2.02 7.73 6.64
N PHE D 100 1.37 6.67 6.18
CA PHE D 100 1.01 6.50 4.76
C PHE D 100 -0.48 6.22 4.68
N ASP D 101 -1.22 7.17 4.13
CA ASP D 101 -2.66 7.06 4.01
C ASP D 101 -3.00 6.45 2.65
N LEU D 102 -3.58 5.25 2.68
CA LEU D 102 -3.76 4.43 1.48
C LEU D 102 -5.19 4.45 0.98
N GLN D 103 -5.35 4.32 -0.34
CA GLN D 103 -6.65 4.06 -0.95
C GLN D 103 -6.94 2.55 -0.93
N PRO D 104 -8.22 2.17 -0.83
CA PRO D 104 -8.58 0.73 -0.78
C PRO D 104 -8.25 -0.04 -2.07
N ILE D 105 -8.07 0.68 -3.17
CA ILE D 105 -7.67 0.05 -4.43
C ILE D 105 -6.17 -0.30 -4.44
N HIS D 106 -5.43 0.13 -3.41
CA HIS D 106 -3.99 -0.07 -3.34
C HIS D 106 -3.59 -1.02 -2.23
N VAL D 107 -4.56 -1.75 -1.70
CA VAL D 107 -4.21 -2.83 -0.76
C VAL D 107 -4.86 -4.16 -1.14
N GLY D 108 -4.05 -5.20 -1.10
CA GLY D 108 -4.51 -6.54 -1.41
C GLY D 108 -4.59 -7.32 -0.11
N PHE D 109 -5.70 -8.01 0.05
CA PHE D 109 -5.93 -8.87 1.22
C PHE D 109 -6.96 -9.94 0.88
N ASN D 110 -6.71 -11.15 1.37
CA ASN D 110 -7.64 -12.26 1.16
C ASN D 110 -7.88 -12.54 -0.35
N GLY D 111 -6.85 -12.28 -1.15
CA GLY D 111 -6.86 -12.66 -2.56
C GLY D 111 -7.43 -11.63 -3.53
N THR D 112 -7.90 -10.48 -3.02
CA THR D 112 -8.39 -9.39 -3.89
C THR D 112 -8.03 -8.05 -3.26
N THR D 113 -8.39 -6.93 -3.89
CA THR D 113 -8.16 -5.64 -3.23
C THR D 113 -9.19 -5.45 -2.12
N VAL D 114 -8.89 -4.55 -1.18
CA VAL D 114 -9.91 -4.25 -0.18
C VAL D 114 -11.13 -3.58 -0.81
N ALA D 115 -10.91 -2.73 -1.82
CA ALA D 115 -12.03 -2.11 -2.55
C ALA D 115 -13.00 -3.20 -3.08
N ALA D 116 -12.45 -4.26 -3.66
CA ALA D 116 -13.27 -5.32 -4.26
C ALA D 116 -14.08 -6.13 -3.25
N ALA D 117 -13.74 -6.03 -1.97
CA ALA D 117 -14.39 -6.81 -0.93
C ALA D 117 -15.50 -6.04 -0.21
N THR D 118 -15.60 -4.75 -0.45
CA THR D 118 -16.53 -3.94 0.32
C THR D 118 -17.73 -3.44 -0.50
N MET D 119 -18.58 -2.64 0.12
CA MET D 119 -19.76 -2.08 -0.57
C MET D 119 -19.36 -1.09 -1.66
#